data_5LMW
#
_entry.id   5LMW
#
_cell.length_a   65.680
_cell.length_b   65.680
_cell.length_c   88.802
_cell.angle_alpha   90.00
_cell.angle_beta   90.00
_cell.angle_gamma   90.00
#
_symmetry.space_group_name_H-M   'P 43 21 2'
#
loop_
_entity.id
_entity.type
_entity.pdbx_description
1 polymer Nanobody
2 non-polymer GLYCEROL
3 water water
#
_entity_poly.entity_id   1
_entity_poly.type   'polypeptide(L)'
_entity_poly.pdbx_seq_one_letter_code
;MAQVQLVESGGGLVQAGDSLRLSCAASGLTFNRYNMGWFRQAPGREREFVASISWSGDRTYGTDSVKGRFAISRDNAKNT
MYLQMNSLKPEDTAVYYCAADRFLTRSVKYDYWGQGTQVTVSSHHHHHH
;
_entity_poly.pdbx_strand_id   A
#
loop_
_chem_comp.id
_chem_comp.type
_chem_comp.name
_chem_comp.formula
GOL non-polymer GLYCEROL 'C3 H8 O3'
#
# COMPACT_ATOMS: atom_id res chain seq x y z
N VAL A 4 -16.67 -7.78 -1.89
CA VAL A 4 -15.37 -7.16 -2.18
C VAL A 4 -14.23 -7.98 -1.55
N GLN A 5 -13.16 -8.21 -2.33
CA GLN A 5 -11.97 -8.88 -1.84
C GLN A 5 -10.74 -8.12 -2.31
N LEU A 6 -9.85 -7.74 -1.37
CA LEU A 6 -8.58 -7.11 -1.68
C LEU A 6 -7.50 -8.05 -1.18
N VAL A 7 -6.61 -8.52 -2.09
CA VAL A 7 -5.59 -9.51 -1.72
C VAL A 7 -4.18 -8.96 -1.93
N GLU A 8 -3.46 -8.75 -0.83
CA GLU A 8 -2.08 -8.29 -0.92
C GLU A 8 -1.14 -9.46 -1.15
N SER A 9 -0.03 -9.19 -1.84
CA SER A 9 1.05 -10.15 -2.01
C SER A 9 2.39 -9.45 -2.12
N GLY A 10 3.45 -10.21 -1.93
CA GLY A 10 4.81 -9.70 -2.07
C GLY A 10 5.62 -9.52 -0.81
N GLY A 11 4.99 -9.70 0.36
CA GLY A 11 5.70 -9.56 1.62
C GLY A 11 6.74 -10.64 1.88
N GLY A 12 7.61 -10.37 2.84
CA GLY A 12 8.63 -11.32 3.27
C GLY A 12 9.71 -10.63 4.03
N LEU A 13 10.90 -11.23 4.02
CA LEU A 13 12.07 -10.72 4.73
C LEU A 13 13.03 -10.10 3.74
N VAL A 14 13.46 -8.85 4.01
CA VAL A 14 14.44 -8.13 3.20
C VAL A 14 15.51 -7.54 4.13
N GLN A 15 16.65 -7.14 3.55
CA GLN A 15 17.75 -6.56 4.30
C GLN A 15 17.70 -5.03 4.15
N ALA A 16 18.18 -4.29 5.17
CA ALA A 16 18.18 -2.81 5.16
C ALA A 16 18.88 -2.32 3.88
N GLY A 17 18.25 -1.38 3.19
CA GLY A 17 18.75 -0.84 1.94
C GLY A 17 18.10 -1.43 0.70
N ASP A 18 17.37 -2.55 0.85
CA ASP A 18 16.70 -3.23 -0.27
C ASP A 18 15.46 -2.51 -0.79
N SER A 19 15.06 -2.88 -2.00
CA SER A 19 13.83 -2.46 -2.65
C SER A 19 12.89 -3.67 -2.64
N LEU A 20 11.60 -3.42 -2.73
CA LEU A 20 10.57 -4.45 -2.66
C LEU A 20 9.31 -3.94 -3.34
N ARG A 21 8.61 -4.80 -4.09
CA ARG A 21 7.34 -4.43 -4.73
CA ARG A 21 7.35 -4.43 -4.74
C ARG A 21 6.20 -5.26 -4.12
N LEU A 22 5.16 -4.57 -3.65
CA LEU A 22 3.96 -5.19 -3.12
C LEU A 22 2.84 -5.01 -4.13
N SER A 23 1.92 -5.97 -4.19
CA SER A 23 0.80 -5.88 -5.10
C SER A 23 -0.52 -6.11 -4.38
N CYS A 24 -1.59 -5.55 -4.93
CA CYS A 24 -2.94 -5.75 -4.41
C CYS A 24 -3.84 -6.12 -5.54
N ALA A 25 -4.50 -7.30 -5.46
CA ALA A 25 -5.44 -7.76 -6.48
C ALA A 25 -6.87 -7.56 -5.94
N ALA A 26 -7.69 -6.79 -6.66
CA ALA A 26 -9.06 -6.49 -6.23
C ALA A 26 -10.10 -7.24 -7.04
N SER A 27 -11.19 -7.64 -6.38
CA SER A 27 -12.34 -8.27 -7.06
C SER A 27 -13.64 -7.90 -6.33
N GLY A 28 -14.79 -8.03 -7.00
CA GLY A 28 -16.06 -7.71 -6.36
C GLY A 28 -16.45 -6.24 -6.32
N LEU A 29 -15.70 -5.37 -7.01
CA LEU A 29 -16.06 -3.95 -7.14
C LEU A 29 -15.64 -3.43 -8.49
N THR A 30 -16.18 -2.28 -8.90
CA THR A 30 -15.81 -1.64 -10.16
C THR A 30 -14.53 -0.86 -9.87
N PHE A 31 -13.40 -1.54 -10.04
CA PHE A 31 -12.07 -1.04 -9.68
C PHE A 31 -11.74 0.37 -10.14
N ASN A 32 -12.06 0.72 -11.41
CA ASN A 32 -11.67 2.03 -11.91
C ASN A 32 -12.49 3.20 -11.31
N ARG A 33 -13.45 2.91 -10.40
CA ARG A 33 -14.23 3.97 -9.73
C ARG A 33 -13.77 4.18 -8.25
N TYR A 34 -12.69 3.51 -7.85
CA TYR A 34 -12.20 3.59 -6.49
C TYR A 34 -10.81 4.13 -6.36
N ASN A 35 -10.63 4.96 -5.32
CA ASN A 35 -9.32 5.39 -4.88
C ASN A 35 -8.73 4.15 -4.17
N MET A 36 -7.45 3.88 -4.39
CA MET A 36 -6.78 2.68 -3.83
C MET A 36 -5.63 3.14 -2.95
N GLY A 37 -5.58 2.62 -1.74
CA GLY A 37 -4.54 3.07 -0.81
C GLY A 37 -3.78 1.96 -0.15
N TRP A 38 -2.55 2.29 0.28
CA TRP A 38 -1.70 1.41 1.08
C TRP A 38 -1.60 2.06 2.47
N PHE A 39 -1.77 1.21 3.52
CA PHE A 39 -1.61 1.62 4.91
C PHE A 39 -0.67 0.58 5.54
N ARG A 40 -0.16 0.89 6.71
CA ARG A 40 0.69 -0.09 7.41
C ARG A 40 0.45 -0.03 8.89
N GLN A 41 0.80 -1.11 9.57
CA GLN A 41 0.79 -1.15 11.03
C GLN A 41 2.09 -1.78 11.48
N ALA A 42 2.97 -0.94 12.04
CA ALA A 42 4.26 -1.40 12.55
C ALA A 42 4.16 -1.73 14.04
N PRO A 43 5.10 -2.57 14.56
CA PRO A 43 5.13 -2.82 16.01
C PRO A 43 5.07 -1.55 16.87
N GLY A 44 4.14 -1.53 17.82
CA GLY A 44 3.95 -0.45 18.79
C GLY A 44 3.38 0.84 18.23
N ARG A 45 2.83 0.79 17.00
CA ARG A 45 2.27 2.00 16.38
C ARG A 45 0.85 1.78 15.92
N GLU A 46 0.12 2.89 15.75
CA GLU A 46 -1.24 2.82 15.22
C GLU A 46 -1.14 2.60 13.70
N ARG A 47 -2.20 2.03 13.11
CA ARG A 47 -2.29 1.87 11.66
C ARG A 47 -2.22 3.28 11.03
N GLU A 48 -1.40 3.43 9.98
CA GLU A 48 -1.16 4.74 9.38
C GLU A 48 -1.08 4.71 7.87
N PHE A 49 -1.36 5.87 7.30
CA PHE A 49 -1.34 6.08 5.88
C PHE A 49 0.07 5.96 5.27
N VAL A 50 0.18 5.29 4.10
CA VAL A 50 1.46 5.20 3.36
C VAL A 50 1.32 5.95 2.03
N ALA A 51 0.32 5.55 1.20
CA ALA A 51 0.15 6.20 -0.12
C ALA A 51 -1.23 5.91 -0.68
N SER A 52 -1.71 6.77 -1.60
CA SER A 52 -3.00 6.52 -2.25
C SER A 52 -2.92 6.98 -3.70
N ILE A 53 -3.68 6.29 -4.55
CA ILE A 53 -3.81 6.65 -5.96
C ILE A 53 -5.30 6.78 -6.26
N SER A 54 -5.72 8.00 -6.61
CA SER A 54 -7.14 8.21 -6.85
C SER A 54 -7.60 7.54 -8.14
N TRP A 55 -8.93 7.38 -8.31
CA TRP A 55 -9.40 6.80 -9.56
C TRP A 55 -9.01 7.68 -10.76
N SER A 56 -8.76 8.99 -10.52
CA SER A 56 -8.31 9.87 -11.60
C SER A 56 -6.78 9.82 -11.84
N GLY A 57 -6.08 9.00 -11.04
CA GLY A 57 -4.65 8.80 -11.20
C GLY A 57 -3.74 9.70 -10.38
N ASP A 58 -4.30 10.53 -9.50
CA ASP A 58 -3.47 11.43 -8.68
C ASP A 58 -2.85 10.64 -7.52
N ARG A 59 -1.54 10.81 -7.31
CA ARG A 59 -0.83 10.08 -6.24
C ARG A 59 -0.56 11.00 -5.05
N THR A 60 -0.80 10.45 -3.83
CA THR A 60 -0.60 11.16 -2.56
C THR A 60 0.24 10.25 -1.65
N TYR A 61 1.23 10.83 -0.95
CA TYR A 61 2.12 10.08 -0.08
C TYR A 61 2.06 10.55 1.36
N GLY A 62 2.33 9.63 2.27
CA GLY A 62 2.38 9.89 3.70
C GLY A 62 3.62 10.68 4.10
N THR A 63 3.77 10.92 5.40
CA THR A 63 4.85 11.76 5.93
C THR A 63 6.24 11.15 5.83
N ASP A 64 7.22 12.07 5.71
CA ASP A 64 8.66 11.94 5.66
C ASP A 64 9.23 11.06 4.54
N SER A 65 9.54 9.81 4.88
CA SER A 65 10.24 8.86 4.06
C SER A 65 9.32 8.03 3.14
N VAL A 66 8.32 8.68 2.51
CA VAL A 66 7.40 8.00 1.58
C VAL A 66 7.49 8.59 0.17
N LYS A 67 7.35 9.93 0.02
CA LYS A 67 7.40 10.64 -1.27
C LYS A 67 8.69 10.33 -2.02
N GLY A 68 9.82 10.40 -1.31
CA GLY A 68 11.13 10.17 -1.90
C GLY A 68 11.53 8.72 -2.00
N ARG A 69 10.88 7.81 -1.24
CA ARG A 69 11.31 6.42 -1.28
C ARG A 69 10.32 5.47 -1.94
N PHE A 70 9.00 5.77 -1.86
CA PHE A 70 7.98 4.84 -2.36
C PHE A 70 7.22 5.40 -3.55
N ALA A 71 6.70 4.50 -4.40
CA ALA A 71 5.91 4.91 -5.55
C ALA A 71 4.69 4.00 -5.69
N ILE A 72 3.52 4.61 -5.84
CA ILE A 72 2.26 3.87 -5.98
C ILE A 72 1.80 3.97 -7.45
N SER A 73 1.20 2.89 -7.93
CA SER A 73 0.68 2.86 -9.30
C SER A 73 -0.51 1.90 -9.37
N ARG A 74 -1.29 1.98 -10.45
CA ARG A 74 -2.42 1.08 -10.64
C ARG A 74 -2.50 0.62 -12.10
N ASP A 75 -3.04 -0.59 -12.31
CA ASP A 75 -3.25 -1.13 -13.66
C ASP A 75 -4.72 -1.51 -13.69
N ASN A 76 -5.54 -0.60 -14.23
CA ASN A 76 -6.98 -0.80 -14.23
C ASN A 76 -7.42 -2.03 -15.02
N ALA A 77 -6.68 -2.40 -16.10
CA ALA A 77 -7.01 -3.58 -16.92
C ALA A 77 -6.85 -4.87 -16.12
N LYS A 78 -5.91 -4.90 -15.16
CA LYS A 78 -5.65 -6.08 -14.34
C LYS A 78 -6.35 -5.99 -12.97
N ASN A 79 -7.03 -4.85 -12.64
CA ASN A 79 -7.67 -4.65 -11.31
C ASN A 79 -6.64 -4.87 -10.20
N THR A 80 -5.43 -4.35 -10.42
CA THR A 80 -4.33 -4.50 -9.47
C THR A 80 -3.68 -3.14 -9.26
N MET A 81 -3.13 -2.95 -8.06
CA MET A 81 -2.37 -1.75 -7.74
CA MET A 81 -2.36 -1.76 -7.74
C MET A 81 -1.08 -2.16 -7.02
N TYR A 82 -0.05 -1.32 -7.08
CA TYR A 82 1.26 -1.67 -6.57
C TYR A 82 1.90 -0.63 -5.69
N LEU A 83 2.81 -1.10 -4.82
CA LEU A 83 3.65 -0.22 -4.02
C LEU A 83 5.11 -0.62 -4.25
N GLN A 84 5.88 0.28 -4.87
CA GLN A 84 7.31 0.05 -5.08
C GLN A 84 8.00 0.74 -3.90
N MET A 85 8.68 -0.03 -3.05
CA MET A 85 9.40 0.53 -1.89
C MET A 85 10.90 0.48 -2.13
N ASN A 86 11.62 1.58 -1.86
CA ASN A 86 13.07 1.65 -2.02
C ASN A 86 13.73 2.07 -0.70
N SER A 87 15.06 1.84 -0.58
CA SER A 87 15.87 2.24 0.59
C SER A 87 15.18 1.87 1.91
N LEU A 88 14.72 0.62 2.00
CA LEU A 88 14.02 0.14 3.18
C LEU A 88 14.90 0.14 4.43
N LYS A 89 14.26 0.41 5.58
CA LYS A 89 14.92 0.49 6.88
C LYS A 89 14.22 -0.42 7.89
N PRO A 90 14.88 -0.80 9.00
CA PRO A 90 14.21 -1.67 10.00
C PRO A 90 12.86 -1.09 10.47
N GLU A 91 12.73 0.26 10.59
CA GLU A 91 11.48 0.87 11.01
C GLU A 91 10.32 0.71 9.99
N ASP A 92 10.62 0.21 8.77
CA ASP A 92 9.60 -0.10 7.74
C ASP A 92 8.96 -1.48 7.99
N THR A 93 9.48 -2.25 8.98
CA THR A 93 8.88 -3.54 9.34
C THR A 93 7.44 -3.31 9.80
N ALA A 94 6.49 -3.97 9.12
CA ALA A 94 5.06 -3.73 9.39
C ALA A 94 4.22 -4.67 8.59
N VAL A 95 2.92 -4.75 8.92
CA VAL A 95 1.94 -5.39 8.07
C VAL A 95 1.45 -4.26 7.13
N TYR A 96 1.49 -4.52 5.83
CA TYR A 96 1.05 -3.57 4.79
C TYR A 96 -0.32 -3.99 4.28
N TYR A 97 -1.28 -3.05 4.30
CA TYR A 97 -2.66 -3.30 3.92
C TYR A 97 -3.06 -2.52 2.68
N CYS A 98 -3.83 -3.19 1.81
CA CYS A 98 -4.48 -2.60 0.63
C CYS A 98 -5.87 -2.14 1.11
N ALA A 99 -6.33 -0.98 0.60
CA ALA A 99 -7.68 -0.52 0.93
C ALA A 99 -8.33 0.21 -0.25
N ALA A 100 -9.66 0.18 -0.32
CA ALA A 100 -10.41 0.84 -1.41
C ALA A 100 -11.52 1.74 -0.88
N ASP A 101 -11.74 2.91 -1.53
CA ASP A 101 -12.79 3.83 -1.11
C ASP A 101 -13.10 4.74 -2.29
N ARG A 102 -14.38 5.07 -2.49
CA ARG A 102 -14.74 5.97 -3.60
C ARG A 102 -14.31 7.43 -3.35
N PHE A 103 -14.05 7.83 -2.09
CA PHE A 103 -13.82 9.25 -1.80
C PHE A 103 -12.57 9.62 -1.06
N LEU A 104 -12.18 8.79 -0.07
CA LEU A 104 -11.08 9.15 0.79
C LEU A 104 -9.69 9.01 0.16
N THR A 105 -8.71 9.71 0.73
CA THR A 105 -7.32 9.65 0.27
C THR A 105 -6.40 9.29 1.43
N ARG A 106 -6.21 10.25 2.38
CA ARG A 106 -5.29 10.04 3.51
C ARG A 106 -5.92 9.35 4.71
N SER A 107 -7.25 9.54 4.90
CA SER A 107 -7.95 9.01 6.07
C SER A 107 -7.83 7.49 6.19
N VAL A 108 -7.73 6.98 7.42
CA VAL A 108 -7.71 5.52 7.64
C VAL A 108 -9.13 4.92 7.53
N LYS A 109 -10.15 5.77 7.33
CA LYS A 109 -11.56 5.32 7.35
C LYS A 109 -12.06 4.76 5.98
N TYR A 110 -11.17 4.17 5.15
CA TYR A 110 -11.59 3.56 3.88
C TYR A 110 -12.63 2.46 4.14
N ASP A 111 -13.58 2.32 3.20
CA ASP A 111 -14.63 1.28 3.34
C ASP A 111 -14.18 -0.16 3.28
N TYR A 112 -13.21 -0.47 2.38
CA TYR A 112 -12.78 -1.87 2.16
C TYR A 112 -11.31 -2.08 2.43
N TRP A 113 -11.00 -3.23 3.02
CA TRP A 113 -9.65 -3.56 3.44
C TRP A 113 -9.27 -4.99 3.13
N GLY A 114 -7.99 -5.18 2.81
CA GLY A 114 -7.42 -6.51 2.70
C GLY A 114 -6.92 -6.97 4.08
N GLN A 115 -6.44 -8.21 4.17
CA GLN A 115 -5.97 -8.78 5.44
C GLN A 115 -4.50 -8.45 5.74
N GLY A 116 -3.79 -7.96 4.73
CA GLY A 116 -2.40 -7.55 4.88
C GLY A 116 -1.34 -8.53 4.45
N THR A 117 -0.15 -7.99 4.15
CA THR A 117 1.05 -8.80 3.83
C THR A 117 2.18 -8.26 4.71
N GLN A 118 2.89 -9.16 5.42
CA GLN A 118 3.92 -8.72 6.34
C GLN A 118 5.28 -8.51 5.67
N VAL A 119 5.94 -7.41 6.05
CA VAL A 119 7.30 -7.13 5.57
C VAL A 119 8.21 -6.98 6.79
N THR A 120 9.34 -7.71 6.83
CA THR A 120 10.38 -7.51 7.85
C THR A 120 11.64 -7.01 7.16
N VAL A 121 12.24 -5.94 7.71
CA VAL A 121 13.49 -5.37 7.20
C VAL A 121 14.50 -5.56 8.32
N SER A 122 15.50 -6.43 8.10
CA SER A 122 16.51 -6.71 9.12
C SER A 122 17.59 -5.63 9.15
N SER A 123 18.25 -5.48 10.31
CA SER A 123 19.35 -4.53 10.49
C SER A 123 20.66 -5.20 10.04
C1 GOL B . -10.11 13.56 4.11
O1 GOL B . -9.26 12.53 3.61
C2 GOL B . -11.04 14.08 3.04
O2 GOL B . -10.26 14.58 1.95
C3 GOL B . -11.93 15.18 3.56
O3 GOL B . -13.03 14.67 4.32
#